data_6TJ0
#
_entry.id   6TJ0
#
_cell.length_a   112.510
_cell.length_b   112.510
_cell.length_c   106.390
_cell.angle_alpha   90.00
_cell.angle_beta   90.00
_cell.angle_gamma   90.00
#
_symmetry.space_group_name_H-M   'P 41 21 2'
#
loop_
_entity.id
_entity.type
_entity.pdbx_description
1 polymer 'Bacterial cellulose synthesis subunit E'
2 non-polymer GLYCEROL
3 non-polymer "9,9'-[(2R,3R,3aS,5S,7aR,9R,10R,10aS,12S,14aR)-3,5,10,12-tetrahydroxy-5,12-dioxidooctahydro-2H,7H-difuro[3,2-d:3',2'-j][1,3,7,9,2,8]tetraoxadiphosphacyclododecine-2,9-diyl]bis(2-amino-1,9-dihydro-6H-purin-6-one)"
4 water water
#
_entity_poly.entity_id   1
_entity_poly.type   'polypeptide(L)'
_entity_poly.pdbx_seq_one_letter_code
;SAEIQPRSDEKRILSNVAVLEGAPPLSEHWQLFNNNEVLFNEARTAQAATVVFSLQQNAQIEPLARSIHTLRRQRGSA
(MSE)KILVRENTASLRATDERLLLACGAN(MSE)VIPWNAPLSRCLT(MSE)IESVQGQKFSRYVPEDITTLLS(MSE)
TQPLKLRGFQKWDVFCNAVNN(MSE)(MSE)NNPLLPAHGKGVLVALRPVPGIRVEQALTLCRPNRTGDI(MSE)TIGGN
RLVLFLSFCRINDLDTALNHIFPLPTGDIFSNR(MSE)VWFEDDQISAELVQ(MSE)RLLAPEQWG(MSE)PLPLTQSSK
PVINAEHDGRHWRRIPEP(MSE)RLLDDAVERSS
;
_entity_poly.pdbx_strand_id   A,B
#
loop_
_chem_comp.id
_chem_comp.type
_chem_comp.name
_chem_comp.formula
C2E non-polymer 9,9'-[(2R,3R,3aS,5S,7aR,9R,10R,10aS,12S,14aR)-3,5,10,12-tetrahydroxy-5,12-dioxidooctahydro-2H,7H-difuro[3,2-d:3',2'-j][1,3,7,9,2,8]tetraoxadiphosphacyclododecine-2,9-diyl]bis(2-amino-1,9-dihydro-6H-purin-6-one) 'C20 H24 N10 O14 P2'
GOL non-polymer GLYCEROL 'C3 H8 O3'
#
# COMPACT_ATOMS: atom_id res chain seq x y z
N ARG A 7 1.62 -40.38 32.33
CA ARG A 7 1.10 -40.93 31.08
C ARG A 7 -0.09 -40.09 30.50
N SER A 8 -1.23 -40.73 30.15
CA SER A 8 -2.37 -40.06 29.50
C SER A 8 -3.26 -39.24 30.42
N ASP A 9 -3.68 -38.06 29.92
CA ASP A 9 -4.58 -37.13 30.60
C ASP A 9 -5.96 -37.12 29.91
N GLU A 10 -6.26 -38.15 29.10
CA GLU A 10 -7.52 -38.32 28.38
C GLU A 10 -8.78 -38.17 29.27
N LYS A 11 -8.71 -38.68 30.52
CA LYS A 11 -9.80 -38.64 31.49
C LYS A 11 -9.86 -37.33 32.30
N ARG A 12 -8.80 -36.49 32.22
CA ARG A 12 -8.76 -35.23 32.97
C ARG A 12 -9.81 -34.21 32.46
N ILE A 13 -10.48 -33.50 33.40
CA ILE A 13 -11.49 -32.50 33.08
C ILE A 13 -11.12 -31.16 33.71
N LEU A 14 -10.72 -30.22 32.88
CA LEU A 14 -10.33 -28.88 33.31
C LEU A 14 -11.53 -28.00 33.05
N SER A 15 -12.03 -27.37 34.11
CA SER A 15 -13.24 -26.59 33.99
C SER A 15 -13.28 -25.32 34.81
N ASN A 16 -13.96 -24.30 34.27
CA ASN A 16 -14.24 -23.08 35.00
C ASN A 16 -15.26 -23.51 36.11
N VAL A 17 -15.13 -22.97 37.34
CA VAL A 17 -16.03 -23.25 38.49
C VAL A 17 -17.53 -23.12 38.12
N ALA A 18 -17.90 -22.06 37.35
CA ALA A 18 -19.25 -21.75 36.89
C ALA A 18 -19.99 -22.92 36.22
N VAL A 19 -19.24 -23.82 35.54
CA VAL A 19 -19.81 -25.01 34.87
C VAL A 19 -20.53 -25.95 35.87
N LEU A 20 -20.03 -26.06 37.12
CA LEU A 20 -20.67 -26.96 38.10
C LEU A 20 -21.74 -26.26 38.97
N GLU A 21 -22.03 -24.97 38.65
CA GLU A 21 -23.07 -24.14 39.26
C GLU A 21 -23.05 -24.13 40.81
N GLY A 22 -21.85 -24.22 41.41
CA GLY A 22 -21.69 -24.23 42.86
C GLY A 22 -21.19 -25.55 43.43
N ALA A 23 -21.39 -26.67 42.70
CA ALA A 23 -20.96 -28.01 43.15
C ALA A 23 -19.43 -28.13 43.21
N PRO A 24 -18.89 -29.04 44.04
CA PRO A 24 -17.42 -29.22 44.07
C PRO A 24 -16.97 -30.15 42.93
N PRO A 25 -15.63 -30.39 42.72
CA PRO A 25 -15.20 -31.35 41.68
C PRO A 25 -15.91 -32.71 41.84
N LEU A 26 -16.42 -33.26 40.73
CA LEU A 26 -17.22 -34.49 40.72
C LEU A 26 -16.41 -35.77 40.80
N SER A 27 -15.11 -35.70 40.47
CA SER A 27 -14.21 -36.83 40.54
C SER A 27 -12.80 -36.31 40.74
N GLU A 28 -11.84 -37.23 40.86
CA GLU A 28 -10.42 -36.93 41.03
C GLU A 28 -9.87 -36.40 39.71
N HIS A 29 -10.61 -36.61 38.60
CA HIS A 29 -10.25 -36.16 37.24
C HIS A 29 -10.58 -34.69 36.99
N TRP A 30 -11.61 -34.15 37.70
CA TRP A 30 -12.03 -32.74 37.61
C TRP A 30 -11.08 -31.81 38.34
N GLN A 31 -10.74 -30.70 37.69
CA GLN A 31 -9.99 -29.58 38.25
C GLN A 31 -10.73 -28.30 37.89
N LEU A 32 -10.98 -27.44 38.88
CA LEU A 32 -11.73 -26.22 38.71
C LEU A 32 -10.87 -24.99 38.78
N PHE A 33 -11.27 -23.96 38.00
CA PHE A 33 -10.54 -22.69 37.85
C PHE A 33 -11.51 -21.56 37.98
N ASN A 34 -11.09 -20.48 38.68
CA ASN A 34 -11.95 -19.32 38.98
C ASN A 34 -12.36 -18.49 37.75
N ASN A 35 -11.62 -18.63 36.63
CA ASN A 35 -11.95 -17.94 35.38
C ASN A 35 -11.32 -18.67 34.18
N ASN A 36 -11.67 -18.21 32.96
CA ASN A 36 -11.22 -18.75 31.67
C ASN A 36 -9.77 -18.51 31.34
N GLU A 37 -9.15 -17.49 31.95
CA GLU A 37 -7.75 -17.15 31.72
C GLU A 37 -6.86 -18.22 32.34
N VAL A 38 -7.03 -18.48 33.66
CA VAL A 38 -6.27 -19.48 34.42
C VAL A 38 -6.52 -20.92 33.88
N LEU A 39 -7.74 -21.19 33.39
CA LEU A 39 -8.11 -22.47 32.79
C LEU A 39 -7.31 -22.69 31.50
N PHE A 40 -7.26 -21.67 30.62
CA PHE A 40 -6.56 -21.70 29.36
C PHE A 40 -5.07 -21.92 29.54
N ASN A 41 -4.48 -21.25 30.54
CA ASN A 41 -3.06 -21.37 30.89
C ASN A 41 -2.67 -22.77 31.33
N GLU A 42 -3.61 -23.47 32.01
CA GLU A 42 -3.45 -24.85 32.44
C GLU A 42 -3.61 -25.78 31.23
N ALA A 43 -4.69 -25.59 30.44
CA ALA A 43 -5.01 -26.35 29.22
C ALA A 43 -3.85 -26.37 28.18
N ARG A 44 -2.97 -25.34 28.23
CA ARG A 44 -1.77 -25.20 27.40
C ARG A 44 -0.79 -26.34 27.60
N THR A 45 -0.78 -26.93 28.82
CA THR A 45 0.11 -28.05 29.18
C THR A 45 -0.58 -29.41 29.06
N ALA A 46 -1.92 -29.43 28.84
CA ALA A 46 -2.69 -30.65 28.67
C ALA A 46 -2.57 -31.20 27.23
N GLN A 47 -3.03 -32.43 26.97
CA GLN A 47 -2.91 -33.07 25.66
C GLN A 47 -4.24 -33.64 25.13
N ALA A 48 -4.86 -34.57 25.89
CA ALA A 48 -6.09 -35.24 25.52
C ALA A 48 -7.23 -34.95 26.50
N ALA A 49 -7.05 -33.96 27.38
CA ALA A 49 -8.02 -33.57 28.41
C ALA A 49 -9.24 -32.87 27.87
N THR A 50 -10.33 -32.83 28.68
CA THR A 50 -11.52 -32.07 28.36
C THR A 50 -11.34 -30.71 29.01
N VAL A 51 -11.58 -29.64 28.23
CA VAL A 51 -11.44 -28.25 28.63
C VAL A 51 -12.82 -27.63 28.46
N VAL A 52 -13.40 -27.11 29.56
CA VAL A 52 -14.74 -26.55 29.57
C VAL A 52 -14.73 -25.10 30.03
N PHE A 53 -14.83 -24.19 29.06
CA PHE A 53 -14.88 -22.76 29.30
C PHE A 53 -16.31 -22.36 29.65
N SER A 54 -16.45 -21.26 30.40
CA SER A 54 -17.75 -20.73 30.74
C SER A 54 -17.98 -19.41 29.97
N LEU A 55 -19.13 -19.29 29.30
CA LEU A 55 -19.52 -18.10 28.58
C LEU A 55 -20.62 -17.40 29.34
N GLN A 56 -20.32 -16.21 29.88
CA GLN A 56 -21.30 -15.39 30.61
C GLN A 56 -21.84 -14.29 29.71
N GLN A 57 -20.96 -13.43 29.15
CA GLN A 57 -21.41 -12.30 28.31
C GLN A 57 -20.74 -12.24 26.94
N ASN A 58 -21.42 -11.57 25.99
CA ASN A 58 -21.00 -11.37 24.61
C ASN A 58 -19.59 -10.79 24.43
N ALA A 59 -19.07 -10.05 25.43
CA ALA A 59 -17.73 -9.45 25.37
C ALA A 59 -16.61 -10.49 25.42
N GLN A 60 -16.91 -11.69 25.96
CA GLN A 60 -15.98 -12.81 26.08
C GLN A 60 -15.81 -13.63 24.80
N ILE A 61 -16.69 -13.48 23.77
CA ILE A 61 -16.66 -14.24 22.51
C ILE A 61 -15.30 -14.21 21.82
N GLU A 62 -14.82 -13.00 21.44
CA GLU A 62 -13.54 -12.82 20.76
C GLU A 62 -12.34 -13.32 21.61
N PRO A 63 -12.13 -12.89 22.90
CA PRO A 63 -11.04 -13.47 23.70
C PRO A 63 -11.11 -15.01 23.83
N LEU A 64 -12.34 -15.57 23.87
CA LEU A 64 -12.60 -17.02 23.95
C LEU A 64 -12.26 -17.71 22.64
N ALA A 65 -12.66 -17.11 21.50
CA ALA A 65 -12.36 -17.57 20.13
C ALA A 65 -10.85 -17.70 19.96
N ARG A 66 -10.09 -16.72 20.47
CA ARG A 66 -8.62 -16.69 20.43
C ARG A 66 -7.99 -17.83 21.24
N SER A 67 -8.50 -18.08 22.47
CA SER A 67 -8.04 -19.13 23.38
C SER A 67 -8.29 -20.53 22.81
N ILE A 68 -9.49 -20.76 22.23
CA ILE A 68 -9.88 -22.04 21.61
C ILE A 68 -8.98 -22.29 20.41
N HIS A 69 -8.78 -21.24 19.58
CA HIS A 69 -7.95 -21.29 18.40
C HIS A 69 -6.50 -21.65 18.74
N THR A 70 -5.94 -20.98 19.77
CA THR A 70 -4.57 -21.23 20.25
C THR A 70 -4.47 -22.70 20.69
N LEU A 71 -5.43 -23.18 21.52
CA LEU A 71 -5.47 -24.55 22.00
C LEU A 71 -5.58 -25.60 20.90
N ARG A 72 -6.54 -25.46 19.98
CA ARG A 72 -6.71 -26.43 18.90
C ARG A 72 -5.45 -26.55 18.02
N ARG A 73 -4.91 -25.40 17.56
CA ARG A 73 -3.73 -25.36 16.70
C ARG A 73 -2.48 -25.93 17.40
N GLN A 74 -2.25 -25.51 18.65
CA GLN A 74 -1.05 -25.89 19.41
C GLN A 74 -1.10 -27.25 20.10
N ARG A 75 -2.30 -27.74 20.48
CA ARG A 75 -2.37 -28.99 21.22
C ARG A 75 -2.80 -30.19 20.36
N GLY A 76 -3.42 -29.94 19.21
CA GLY A 76 -3.82 -31.01 18.31
C GLY A 76 -5.28 -31.45 18.39
N SER A 77 -5.56 -32.66 17.87
CA SER A 77 -6.89 -33.24 17.71
C SER A 77 -7.43 -34.12 18.87
N ALA A 78 -6.59 -34.48 19.87
CA ALA A 78 -7.06 -35.34 20.96
C ALA A 78 -7.87 -34.60 22.04
N MSE A 79 -7.56 -33.32 22.27
CA MSE A 79 -8.22 -32.49 23.26
C MSE A 79 -9.68 -32.21 22.89
O MSE A 79 -10.00 -31.97 21.73
CB MSE A 79 -7.43 -31.18 23.39
CG MSE A 79 -7.99 -30.19 24.40
SE MSE A 79 -6.78 -28.69 24.70
CE MSE A 79 -5.38 -29.67 25.63
N LYS A 80 -10.56 -32.24 23.92
CA LYS A 80 -11.98 -31.91 23.75
C LYS A 80 -12.19 -30.52 24.35
N ILE A 81 -12.55 -29.53 23.50
CA ILE A 81 -12.75 -28.14 23.91
C ILE A 81 -14.23 -27.82 23.83
N LEU A 82 -14.81 -27.47 24.98
CA LEU A 82 -16.23 -27.22 25.19
C LEU A 82 -16.48 -25.83 25.72
N VAL A 83 -17.59 -25.22 25.27
CA VAL A 83 -18.05 -23.91 25.73
C VAL A 83 -19.41 -24.12 26.39
N ARG A 84 -19.46 -23.85 27.70
CA ARG A 84 -20.70 -23.93 28.46
C ARG A 84 -21.28 -22.52 28.49
N GLU A 85 -22.38 -22.31 27.77
CA GLU A 85 -23.10 -21.04 27.73
C GLU A 85 -23.92 -20.98 29.03
N ASN A 86 -23.50 -20.12 29.96
CA ASN A 86 -24.16 -20.06 31.26
C ASN A 86 -25.33 -19.08 31.27
N THR A 87 -25.20 -17.98 30.54
CA THR A 87 -26.22 -16.95 30.37
C THR A 87 -26.59 -16.91 28.87
N ALA A 88 -27.91 -16.83 28.54
CA ALA A 88 -28.42 -16.77 27.17
C ALA A 88 -27.84 -15.57 26.41
N SER A 89 -26.70 -15.79 25.71
CA SER A 89 -25.98 -14.75 25.01
C SER A 89 -25.49 -15.11 23.60
N LEU A 90 -25.09 -16.37 23.39
CA LEU A 90 -24.51 -16.86 22.14
C LEU A 90 -25.47 -16.87 20.92
N ARG A 91 -25.19 -15.96 19.95
CA ARG A 91 -25.92 -15.84 18.67
C ARG A 91 -25.46 -16.97 17.76
N ALA A 92 -26.29 -17.40 16.78
CA ALA A 92 -25.94 -18.49 15.86
C ALA A 92 -24.63 -18.26 15.11
N THR A 93 -24.31 -16.99 14.80
CA THR A 93 -23.08 -16.56 14.13
C THR A 93 -21.84 -16.79 15.03
N ASP A 94 -21.93 -16.40 16.31
CA ASP A 94 -20.85 -16.57 17.28
C ASP A 94 -20.63 -18.04 17.65
N GLU A 95 -21.71 -18.86 17.56
CA GLU A 95 -21.61 -20.29 17.79
C GLU A 95 -20.79 -20.90 16.63
N ARG A 96 -21.10 -20.51 15.37
CA ARG A 96 -20.42 -20.99 14.17
C ARG A 96 -18.92 -20.65 14.25
N LEU A 97 -18.60 -19.42 14.74
CA LEU A 97 -17.25 -18.92 14.95
C LEU A 97 -16.51 -19.80 15.96
N LEU A 98 -17.06 -20.00 17.18
CA LEU A 98 -16.41 -20.82 18.22
C LEU A 98 -16.15 -22.26 17.77
N LEU A 99 -17.11 -22.88 17.04
CA LEU A 99 -16.95 -24.24 16.49
C LEU A 99 -15.85 -24.29 15.41
N ALA A 100 -15.74 -23.24 14.59
CA ALA A 100 -14.74 -23.15 13.53
C ALA A 100 -13.35 -22.87 14.07
N CYS A 101 -13.26 -22.25 15.27
CA CYS A 101 -11.98 -21.96 15.94
C CYS A 101 -11.37 -23.21 16.58
N GLY A 102 -12.16 -24.27 16.77
CA GLY A 102 -11.66 -25.51 17.34
C GLY A 102 -12.47 -26.17 18.43
N ALA A 103 -13.63 -25.57 18.80
CA ALA A 103 -14.50 -26.17 19.83
C ALA A 103 -15.27 -27.33 19.22
N ASN A 104 -15.31 -28.45 19.95
CA ASN A 104 -16.03 -29.65 19.56
C ASN A 104 -17.52 -29.43 19.70
N MSE A 105 -17.92 -28.67 20.72
CA MSE A 105 -19.33 -28.54 21.08
C MSE A 105 -19.58 -27.35 21.98
O MSE A 105 -18.70 -26.94 22.75
CB MSE A 105 -19.67 -29.85 21.86
CG MSE A 105 -21.10 -30.03 22.33
SE MSE A 105 -21.16 -31.71 23.36
CE MSE A 105 -20.16 -31.15 24.89
N VAL A 106 -20.79 -26.79 21.88
CA VAL A 106 -21.27 -25.74 22.76
C VAL A 106 -22.42 -26.36 23.55
N ILE A 107 -22.39 -26.20 24.89
CA ILE A 107 -23.43 -26.67 25.83
C ILE A 107 -24.37 -25.44 26.01
N PRO A 108 -25.56 -25.42 25.37
CA PRO A 108 -26.41 -24.20 25.46
C PRO A 108 -26.98 -23.92 26.84
N TRP A 109 -27.32 -22.64 27.11
CA TRP A 109 -27.84 -22.11 28.38
C TRP A 109 -29.05 -22.84 28.93
N ASN A 110 -29.96 -23.28 28.03
CA ASN A 110 -31.22 -23.90 28.41
C ASN A 110 -31.07 -25.37 28.82
N ALA A 111 -29.86 -25.93 28.68
CA ALA A 111 -29.57 -27.30 29.12
C ALA A 111 -29.22 -27.26 30.62
N PRO A 112 -29.92 -28.03 31.51
CA PRO A 112 -29.55 -28.01 32.94
C PRO A 112 -28.20 -28.70 33.20
N LEU A 113 -27.69 -28.64 34.45
CA LEU A 113 -26.41 -29.24 34.85
C LEU A 113 -26.32 -30.74 34.47
N SER A 114 -27.39 -31.52 34.73
CA SER A 114 -27.44 -32.97 34.44
C SER A 114 -27.20 -33.29 32.96
N ARG A 115 -27.77 -32.45 32.07
CA ARG A 115 -27.66 -32.57 30.61
C ARG A 115 -26.26 -32.11 30.19
N CYS A 116 -25.71 -31.08 30.88
CA CYS A 116 -24.35 -30.57 30.66
C CYS A 116 -23.34 -31.70 30.91
N LEU A 117 -23.55 -32.45 32.00
CA LEU A 117 -22.72 -33.59 32.40
C LEU A 117 -22.81 -34.75 31.40
N THR A 118 -23.99 -34.98 30.81
CA THR A 118 -24.22 -35.99 29.78
C THR A 118 -23.42 -35.66 28.51
N MSE A 119 -23.42 -34.37 28.10
CA MSE A 119 -22.70 -33.85 26.93
C MSE A 119 -21.19 -33.92 27.07
O MSE A 119 -20.51 -34.19 26.09
CB MSE A 119 -23.20 -32.45 26.57
CG MSE A 119 -24.61 -32.47 25.96
SE MSE A 119 -25.40 -30.70 25.61
CE MSE A 119 -25.63 -30.09 27.31
N ILE A 120 -20.67 -33.72 28.31
CA ILE A 120 -19.23 -33.82 28.59
C ILE A 120 -18.77 -35.26 28.38
N GLU A 121 -19.58 -36.25 28.79
CA GLU A 121 -19.21 -37.67 28.60
C GLU A 121 -19.35 -38.09 27.14
N SER A 122 -20.31 -37.49 26.41
CA SER A 122 -20.55 -37.81 25.01
C SER A 122 -19.34 -37.51 24.09
N VAL A 123 -18.52 -36.47 24.40
CA VAL A 123 -17.36 -36.06 23.59
C VAL A 123 -16.12 -36.93 23.80
N GLN A 124 -16.12 -37.84 24.79
CA GLN A 124 -14.96 -38.69 25.05
C GLN A 124 -14.68 -39.63 23.87
N GLY A 125 -13.42 -39.69 23.48
CA GLY A 125 -12.92 -40.48 22.36
C GLY A 125 -13.08 -39.81 21.01
N GLN A 126 -13.70 -38.62 21.01
CA GLN A 126 -13.93 -37.85 19.79
C GLN A 126 -12.65 -37.09 19.42
N LYS A 127 -12.21 -37.28 18.17
CA LYS A 127 -11.02 -36.62 17.63
C LYS A 127 -11.44 -35.48 16.70
N PHE A 128 -10.83 -34.30 16.89
CA PHE A 128 -11.13 -33.12 16.09
C PHE A 128 -10.54 -33.23 14.69
N SER A 129 -11.39 -33.53 13.67
CA SER A 129 -10.93 -33.73 12.30
C SER A 129 -11.09 -32.51 11.35
N ARG A 130 -11.80 -31.46 11.79
CA ARG A 130 -12.03 -30.26 10.97
C ARG A 130 -10.76 -29.41 10.79
N TYR A 131 -10.61 -28.79 9.61
CA TYR A 131 -9.47 -27.91 9.36
C TYR A 131 -9.74 -26.57 10.05
N VAL A 132 -8.73 -26.07 10.79
CA VAL A 132 -8.75 -24.78 11.48
C VAL A 132 -7.70 -23.86 10.80
N PRO A 133 -8.11 -22.69 10.26
CA PRO A 133 -7.12 -21.78 9.63
C PRO A 133 -6.11 -21.27 10.66
N GLU A 134 -4.84 -21.13 10.23
CA GLU A 134 -3.72 -20.69 11.05
C GLU A 134 -3.91 -19.25 11.54
N ASP A 135 -4.36 -18.36 10.66
CA ASP A 135 -4.62 -16.97 10.98
C ASP A 135 -6.04 -16.83 11.57
N ILE A 136 -6.15 -16.28 12.80
CA ILE A 136 -7.42 -16.06 13.50
C ILE A 136 -8.30 -14.99 12.78
N THR A 137 -7.67 -14.02 12.07
CA THR A 137 -8.38 -12.97 11.31
C THR A 137 -9.23 -13.56 10.18
N THR A 138 -8.80 -14.71 9.59
CA THR A 138 -9.56 -15.48 8.59
C THR A 138 -10.91 -15.91 9.22
N LEU A 139 -10.89 -16.34 10.51
CA LEU A 139 -12.08 -16.76 11.24
C LEU A 139 -12.90 -15.60 11.76
N LEU A 140 -12.26 -14.61 12.41
CA LEU A 140 -12.91 -13.40 12.93
C LEU A 140 -13.68 -12.60 11.87
N SER A 141 -13.34 -12.80 10.57
CA SER A 141 -14.00 -12.20 9.40
C SER A 141 -15.45 -12.71 9.24
N MSE A 142 -15.83 -13.77 10.01
CA MSE A 142 -17.17 -14.34 10.02
C MSE A 142 -18.14 -13.40 10.72
O MSE A 142 -19.29 -13.27 10.29
CB MSE A 142 -17.21 -15.66 10.80
CG MSE A 142 -16.76 -16.87 10.02
SE MSE A 142 -16.78 -18.49 11.16
CE MSE A 142 -15.69 -19.60 10.00
N THR A 143 -17.68 -12.78 11.82
CA THR A 143 -18.47 -11.92 12.71
C THR A 143 -18.03 -10.46 12.74
N GLN A 144 -16.78 -10.19 12.40
CA GLN A 144 -16.22 -8.83 12.43
C GLN A 144 -15.96 -8.30 11.01
N PRO A 145 -15.88 -6.96 10.79
CA PRO A 145 -15.54 -6.46 9.44
C PRO A 145 -14.19 -7.01 8.94
N LEU A 146 -14.09 -7.26 7.62
CA LEU A 146 -12.93 -7.89 6.98
C LEU A 146 -11.59 -7.24 7.37
N LYS A 147 -10.76 -8.05 8.01
CA LYS A 147 -9.43 -7.68 8.46
C LYS A 147 -8.31 -8.28 7.60
N LEU A 148 -8.67 -9.11 6.60
CA LEU A 148 -7.70 -9.69 5.67
C LEU A 148 -7.31 -8.63 4.62
N ARG A 149 -6.13 -8.82 4.01
CA ARG A 149 -5.57 -7.96 2.97
C ARG A 149 -4.70 -8.81 2.02
N GLY A 150 -4.69 -8.45 0.74
CA GLY A 150 -3.89 -9.14 -0.25
C GLY A 150 -4.44 -10.48 -0.70
N PHE A 151 -3.60 -11.27 -1.38
CA PHE A 151 -3.93 -12.59 -1.92
C PHE A 151 -4.46 -13.58 -0.87
N GLN A 152 -5.52 -14.29 -1.27
CA GLN A 152 -6.21 -15.34 -0.54
C GLN A 152 -6.52 -16.43 -1.57
N LYS A 153 -6.38 -17.72 -1.17
CA LYS A 153 -6.72 -18.89 -2.00
C LYS A 153 -8.22 -18.82 -2.33
N TRP A 154 -8.61 -19.17 -3.58
CA TRP A 154 -9.97 -19.13 -4.12
C TRP A 154 -11.09 -19.34 -3.08
N ASP A 155 -11.08 -20.50 -2.38
CA ASP A 155 -12.06 -20.86 -1.35
C ASP A 155 -12.03 -19.93 -0.14
N VAL A 156 -10.85 -19.49 0.30
CA VAL A 156 -10.68 -18.55 1.43
C VAL A 156 -11.25 -17.18 1.01
N PHE A 157 -10.99 -16.75 -0.26
CA PHE A 157 -11.54 -15.50 -0.80
C PHE A 157 -13.08 -15.58 -0.83
N CYS A 158 -13.62 -16.65 -1.45
CA CYS A 158 -15.06 -16.94 -1.56
C CYS A 158 -15.72 -16.93 -0.17
N ASN A 159 -15.08 -17.59 0.83
CA ASN A 159 -15.58 -17.64 2.20
C ASN A 159 -15.67 -16.28 2.88
N ALA A 160 -14.62 -15.45 2.77
CA ALA A 160 -14.53 -14.11 3.39
C ALA A 160 -15.58 -13.14 2.84
N VAL A 161 -15.77 -13.14 1.51
CA VAL A 161 -16.75 -12.28 0.84
C VAL A 161 -18.16 -12.75 1.24
N ASN A 162 -18.38 -14.09 1.25
CA ASN A 162 -19.64 -14.72 1.65
C ASN A 162 -19.99 -14.45 3.11
N ASN A 163 -18.99 -14.50 4.03
CA ASN A 163 -19.21 -14.20 5.45
C ASN A 163 -19.60 -12.74 5.63
N MSE A 164 -19.10 -11.86 4.76
CA MSE A 164 -19.38 -10.44 4.77
C MSE A 164 -20.84 -10.14 4.37
O MSE A 164 -21.52 -9.38 5.06
CB MSE A 164 -18.37 -9.71 3.92
CG MSE A 164 -18.79 -8.30 3.57
SE MSE A 164 -17.26 -7.26 3.05
CE MSE A 164 -16.61 -6.87 4.90
N MSE A 165 -21.31 -10.77 3.27
CA MSE A 165 -22.67 -10.62 2.74
C MSE A 165 -23.72 -11.13 3.73
O MSE A 165 -24.83 -10.57 3.80
CB MSE A 165 -22.83 -11.37 1.40
CG MSE A 165 -21.90 -10.89 0.29
SE MSE A 165 -22.26 -9.06 -0.32
CE MSE A 165 -20.73 -8.15 0.45
N ASN A 166 -23.38 -12.19 4.50
CA ASN A 166 -24.24 -12.85 5.47
C ASN A 166 -24.13 -12.33 6.90
N ASN A 167 -23.15 -11.45 7.20
CA ASN A 167 -22.99 -10.90 8.56
C ASN A 167 -24.11 -9.87 8.85
N PRO A 168 -24.96 -10.11 9.87
CA PRO A 168 -26.08 -9.18 10.13
C PRO A 168 -25.73 -7.91 10.93
N LEU A 169 -24.48 -7.81 11.42
CA LEU A 169 -24.03 -6.65 12.20
C LEU A 169 -23.42 -5.58 11.30
N LEU A 170 -23.08 -5.93 10.06
CA LEU A 170 -22.47 -5.03 9.09
C LEU A 170 -23.51 -4.08 8.48
N PRO A 171 -23.11 -2.90 7.94
CA PRO A 171 -24.10 -2.01 7.32
C PRO A 171 -24.72 -2.66 6.08
N ALA A 172 -26.02 -2.41 5.86
CA ALA A 172 -26.77 -2.93 4.72
C ALA A 172 -26.23 -2.43 3.37
N HIS A 173 -25.69 -1.20 3.36
CA HIS A 173 -25.23 -0.54 2.14
C HIS A 173 -23.74 -0.30 2.05
N GLY A 174 -23.29 -0.30 0.80
CA GLY A 174 -21.92 0.01 0.41
C GLY A 174 -20.83 -0.83 1.02
N LYS A 175 -21.02 -2.16 1.14
CA LYS A 175 -20.00 -3.05 1.70
C LYS A 175 -18.74 -3.14 0.83
N GLY A 176 -18.88 -2.75 -0.44
CA GLY A 176 -17.78 -2.74 -1.38
C GLY A 176 -18.13 -3.29 -2.74
N VAL A 177 -17.10 -3.50 -3.56
CA VAL A 177 -17.21 -3.96 -4.94
C VAL A 177 -16.39 -5.22 -5.21
N LEU A 178 -17.01 -6.18 -5.92
CA LEU A 178 -16.43 -7.43 -6.40
C LEU A 178 -16.14 -7.23 -7.90
N VAL A 179 -14.87 -7.38 -8.32
CA VAL A 179 -14.48 -7.17 -9.71
C VAL A 179 -13.57 -8.32 -10.22
N ALA A 180 -13.99 -8.97 -11.32
CA ALA A 180 -13.27 -10.05 -11.99
C ALA A 180 -12.61 -9.49 -13.27
N LEU A 181 -11.27 -9.37 -13.25
CA LEU A 181 -10.46 -8.80 -14.33
C LEU A 181 -9.77 -9.90 -15.16
N ARG A 182 -9.94 -9.85 -16.49
CA ARG A 182 -9.37 -10.80 -17.44
C ARG A 182 -8.13 -10.17 -18.10
N PRO A 183 -6.92 -10.77 -17.94
CA PRO A 183 -5.72 -10.17 -18.53
C PRO A 183 -5.67 -10.20 -20.06
N VAL A 184 -4.85 -9.31 -20.63
CA VAL A 184 -4.64 -9.23 -22.08
C VAL A 184 -3.89 -10.50 -22.55
N PRO A 185 -4.08 -10.99 -23.80
CA PRO A 185 -3.42 -12.24 -24.26
C PRO A 185 -1.97 -12.52 -23.84
N GLY A 186 -1.11 -11.49 -23.82
CA GLY A 186 0.30 -11.67 -23.43
C GLY A 186 0.58 -11.91 -21.94
N ILE A 187 -0.42 -11.67 -21.05
CA ILE A 187 -0.26 -11.78 -19.59
C ILE A 187 -1.04 -12.95 -18.95
N ARG A 188 -0.36 -13.72 -18.08
CA ARG A 188 -0.95 -14.79 -17.27
C ARG A 188 -1.43 -14.17 -15.94
N VAL A 189 -2.51 -14.69 -15.31
CA VAL A 189 -3.07 -14.15 -14.05
C VAL A 189 -2.05 -14.06 -12.90
N GLU A 190 -1.10 -15.03 -12.86
CA GLU A 190 0.00 -15.12 -11.90
C GLU A 190 0.90 -13.88 -12.03
N GLN A 191 1.10 -13.40 -13.28
CA GLN A 191 1.90 -12.21 -13.57
C GLN A 191 1.13 -10.95 -13.18
N ALA A 192 -0.16 -10.88 -13.53
CA ALA A 192 -1.05 -9.77 -13.20
C ALA A 192 -1.18 -9.59 -11.68
N LEU A 193 -1.14 -10.73 -10.92
CA LEU A 193 -1.21 -10.78 -9.46
C LEU A 193 -0.04 -10.09 -8.78
N THR A 194 1.19 -10.19 -9.38
CA THR A 194 2.39 -9.56 -8.82
C THR A 194 2.29 -8.04 -8.90
N LEU A 195 1.44 -7.52 -9.81
CA LEU A 195 1.21 -6.08 -9.99
C LEU A 195 0.08 -5.57 -9.08
N CYS A 196 -0.75 -6.48 -8.55
CA CYS A 196 -1.88 -6.19 -7.66
C CYS A 196 -1.37 -5.99 -6.24
N ARG A 197 -1.23 -4.72 -5.81
CA ARG A 197 -0.67 -4.40 -4.49
C ARG A 197 -1.59 -3.46 -3.70
N PRO A 198 -2.69 -3.98 -3.12
CA PRO A 198 -3.57 -3.11 -2.33
C PRO A 198 -2.89 -2.69 -1.03
N ASN A 199 -3.20 -1.51 -0.56
CA ASN A 199 -2.62 -0.95 0.64
C ASN A 199 -3.63 -0.93 1.79
N ARG A 200 -4.93 -1.07 1.47
CA ARG A 200 -6.00 -1.05 2.47
C ARG A 200 -6.39 -2.42 2.95
N THR A 201 -6.61 -2.53 4.27
CA THR A 201 -7.11 -3.72 4.92
C THR A 201 -8.59 -3.83 4.50
N GLY A 202 -9.02 -5.02 4.09
CA GLY A 202 -10.36 -5.22 3.56
C GLY A 202 -10.34 -5.38 2.05
N ASP A 203 -9.20 -5.07 1.40
CA ASP A 203 -8.99 -5.24 -0.04
C ASP A 203 -8.23 -6.52 -0.24
N ILE A 204 -8.91 -7.51 -0.77
CA ILE A 204 -8.38 -8.84 -0.98
C ILE A 204 -8.52 -9.24 -2.43
N MSE A 205 -7.72 -10.20 -2.87
CA MSE A 205 -7.84 -10.71 -4.23
C MSE A 205 -7.52 -12.18 -4.31
O MSE A 205 -6.94 -12.75 -3.38
CB MSE A 205 -7.08 -9.89 -5.30
CG MSE A 205 -5.58 -10.06 -5.29
SE MSE A 205 -4.66 -9.04 -3.89
CE MSE A 205 -5.84 -7.54 -3.64
N THR A 206 -7.91 -12.78 -5.42
CA THR A 206 -7.69 -14.18 -5.73
C THR A 206 -7.47 -14.35 -7.22
N ILE A 207 -6.96 -15.53 -7.62
CA ILE A 207 -6.75 -15.88 -9.02
C ILE A 207 -7.33 -17.28 -9.26
N GLY A 208 -7.90 -17.47 -10.44
CA GLY A 208 -8.52 -18.73 -10.86
C GLY A 208 -9.28 -18.59 -12.16
N GLY A 209 -9.26 -19.65 -12.97
CA GLY A 209 -9.94 -19.72 -14.26
C GLY A 209 -9.69 -18.53 -15.18
N ASN A 210 -8.41 -18.13 -15.29
CA ASN A 210 -7.86 -17.03 -16.10
C ASN A 210 -8.51 -15.66 -15.77
N ARG A 211 -8.81 -15.43 -14.47
CA ARG A 211 -9.39 -14.18 -13.95
C ARG A 211 -8.71 -13.77 -12.65
N LEU A 212 -8.50 -12.47 -12.47
CA LEU A 212 -8.00 -11.90 -11.21
C LEU A 212 -9.25 -11.27 -10.56
N VAL A 213 -9.65 -11.78 -9.40
CA VAL A 213 -10.87 -11.33 -8.72
C VAL A 213 -10.54 -10.54 -7.47
N LEU A 214 -11.02 -9.30 -7.41
CA LEU A 214 -10.80 -8.41 -6.27
C LEU A 214 -12.09 -8.08 -5.52
N PHE A 215 -12.00 -7.96 -4.19
CA PHE A 215 -13.06 -7.38 -3.39
C PHE A 215 -12.48 -6.13 -2.75
N LEU A 216 -13.10 -4.99 -3.00
CA LEU A 216 -12.68 -3.69 -2.49
C LEU A 216 -13.71 -3.20 -1.49
N SER A 217 -13.40 -3.29 -0.18
CA SER A 217 -14.33 -2.86 0.88
C SER A 217 -14.61 -1.35 0.88
N PHE A 218 -15.90 -1.00 1.14
CA PHE A 218 -16.48 0.37 1.26
C PHE A 218 -16.24 1.27 0.04
N CYS A 219 -16.01 0.64 -1.11
CA CYS A 219 -15.75 1.35 -2.34
C CYS A 219 -17.02 1.48 -3.17
N ARG A 220 -17.41 2.73 -3.52
CA ARG A 220 -18.59 2.96 -4.36
C ARG A 220 -18.25 2.56 -5.80
N ILE A 221 -19.23 2.10 -6.60
CA ILE A 221 -19.05 1.72 -8.02
C ILE A 221 -18.40 2.86 -8.87
N ASN A 222 -18.78 4.12 -8.60
CA ASN A 222 -18.23 5.28 -9.31
C ASN A 222 -16.74 5.51 -9.01
N ASP A 223 -16.22 4.90 -7.91
CA ASP A 223 -14.83 5.02 -7.48
C ASP A 223 -13.94 3.83 -7.81
N LEU A 224 -14.45 2.85 -8.59
CA LEU A 224 -13.76 1.63 -8.98
C LEU A 224 -12.45 1.87 -9.75
N ASP A 225 -12.47 2.75 -10.76
CA ASP A 225 -11.27 3.06 -11.55
C ASP A 225 -10.22 3.75 -10.69
N THR A 226 -10.65 4.67 -9.81
CA THR A 226 -9.80 5.39 -8.86
C THR A 226 -9.09 4.36 -7.93
N ALA A 227 -9.86 3.38 -7.38
CA ALA A 227 -9.35 2.33 -6.52
C ALA A 227 -8.30 1.48 -7.25
N LEU A 228 -8.65 1.00 -8.47
CA LEU A 228 -7.79 0.19 -9.34
C LEU A 228 -6.49 0.89 -9.75
N ASN A 229 -6.54 2.23 -9.95
CA ASN A 229 -5.37 3.03 -10.31
C ASN A 229 -4.37 3.11 -9.15
N HIS A 230 -4.86 2.99 -7.90
CA HIS A 230 -4.04 3.02 -6.69
C HIS A 230 -3.41 1.67 -6.38
N ILE A 231 -4.11 0.57 -6.71
CA ILE A 231 -3.70 -0.81 -6.46
C ILE A 231 -2.65 -1.31 -7.48
N PHE A 232 -2.75 -0.89 -8.76
CA PHE A 232 -1.83 -1.27 -9.84
C PHE A 232 -0.86 -0.12 -10.19
N PRO A 233 0.43 -0.43 -10.48
CA PRO A 233 1.40 0.65 -10.77
C PRO A 233 1.43 1.09 -12.23
N LEU A 234 0.65 0.39 -13.07
CA LEU A 234 0.51 0.61 -14.51
C LEU A 234 -0.98 0.74 -14.82
N PRO A 235 -1.39 1.39 -15.95
CA PRO A 235 -2.83 1.50 -16.25
C PRO A 235 -3.47 0.12 -16.43
N THR A 236 -4.67 -0.09 -15.83
CA THR A 236 -5.41 -1.36 -15.84
C THR A 236 -5.89 -1.78 -17.26
N GLY A 237 -6.03 -0.83 -18.18
CA GLY A 237 -6.40 -1.09 -19.57
C GLY A 237 -5.27 -1.80 -20.32
N ASP A 238 -4.02 -1.55 -19.88
CA ASP A 238 -2.84 -2.19 -20.46
C ASP A 238 -2.60 -3.59 -19.85
N ILE A 239 -3.11 -3.84 -18.62
CA ILE A 239 -2.94 -5.12 -17.95
C ILE A 239 -4.11 -6.07 -18.29
N PHE A 240 -5.35 -5.55 -18.30
CA PHE A 240 -6.56 -6.33 -18.50
C PHE A 240 -7.40 -5.91 -19.71
N SER A 241 -7.90 -6.92 -20.45
CA SER A 241 -8.73 -6.77 -21.65
C SER A 241 -10.20 -6.61 -21.31
N ASN A 242 -10.68 -7.39 -20.32
CA ASN A 242 -12.08 -7.39 -19.86
C ASN A 242 -12.19 -7.30 -18.33
N ARG A 243 -13.37 -6.85 -17.87
CA ARG A 243 -13.74 -6.75 -16.46
C ARG A 243 -15.25 -6.91 -16.26
N MSE A 244 -15.60 -7.64 -15.21
CA MSE A 244 -16.97 -7.91 -14.77
C MSE A 244 -17.03 -7.43 -13.33
O MSE A 244 -16.12 -7.73 -12.56
CB MSE A 244 -17.30 -9.39 -14.91
CG MSE A 244 -17.61 -9.79 -16.35
SE MSE A 244 -19.29 -9.00 -17.03
CE MSE A 244 -20.53 -10.34 -16.19
N VAL A 245 -18.04 -6.61 -13.03
CA VAL A 245 -18.22 -5.96 -11.72
C VAL A 245 -19.56 -6.29 -11.08
N TRP A 246 -19.58 -6.45 -9.74
CA TRP A 246 -20.77 -6.69 -8.90
C TRP A 246 -20.63 -5.78 -7.68
N PHE A 247 -21.61 -4.92 -7.44
CA PHE A 247 -21.54 -3.97 -6.32
C PHE A 247 -22.77 -4.01 -5.42
N GLU A 248 -23.77 -4.83 -5.76
CA GLU A 248 -24.98 -4.98 -4.94
C GLU A 248 -24.94 -6.37 -4.29
N ASP A 249 -25.30 -6.46 -3.00
CA ASP A 249 -25.30 -7.70 -2.20
C ASP A 249 -25.83 -8.94 -2.92
N ASP A 250 -27.00 -8.83 -3.58
CA ASP A 250 -27.60 -9.94 -4.32
C ASP A 250 -26.71 -10.34 -5.52
N GLN A 251 -26.12 -9.35 -6.22
CA GLN A 251 -25.24 -9.56 -7.38
C GLN A 251 -23.95 -10.26 -6.95
N ILE A 252 -23.37 -9.83 -5.82
CA ILE A 252 -22.15 -10.40 -5.24
C ILE A 252 -22.40 -11.87 -4.82
N SER A 253 -23.47 -12.13 -4.04
CA SER A 253 -23.86 -13.47 -3.57
C SER A 253 -24.12 -14.44 -4.73
N ALA A 254 -24.82 -13.96 -5.78
CA ALA A 254 -25.12 -14.72 -6.99
C ALA A 254 -23.82 -15.11 -7.71
N GLU A 255 -22.81 -14.21 -7.71
CA GLU A 255 -21.53 -14.45 -8.36
C GLU A 255 -20.62 -15.38 -7.53
N LEU A 256 -20.72 -15.33 -6.19
CA LEU A 256 -19.95 -16.24 -5.31
C LEU A 256 -20.40 -17.69 -5.53
N VAL A 257 -21.68 -17.91 -5.89
CA VAL A 257 -22.25 -19.23 -6.22
C VAL A 257 -21.54 -19.77 -7.49
N GLN A 258 -21.43 -18.92 -8.53
CA GLN A 258 -20.78 -19.26 -9.79
C GLN A 258 -19.26 -19.51 -9.60
N MSE A 259 -18.64 -18.75 -8.69
CA MSE A 259 -17.21 -18.85 -8.36
C MSE A 259 -16.88 -20.15 -7.65
O MSE A 259 -15.90 -20.79 -8.00
CB MSE A 259 -16.77 -17.65 -7.51
CG MSE A 259 -16.47 -16.41 -8.34
SE MSE A 259 -15.90 -14.92 -7.22
CE MSE A 259 -14.11 -15.52 -6.66
N ARG A 260 -17.74 -20.58 -6.70
CA ARG A 260 -17.59 -21.82 -5.93
C ARG A 260 -17.69 -23.09 -6.80
N LEU A 261 -18.05 -22.94 -8.09
CA LEU A 261 -18.18 -24.02 -9.07
C LEU A 261 -16.86 -24.32 -9.80
N LEU A 262 -15.82 -23.46 -9.61
CA LEU A 262 -14.50 -23.60 -10.23
C LEU A 262 -13.71 -24.74 -9.58
N ALA A 263 -13.18 -25.66 -10.41
CA ALA A 263 -12.39 -26.84 -9.99
C ALA A 263 -11.07 -26.43 -9.29
N PRO A 264 -10.67 -27.11 -8.17
CA PRO A 264 -9.41 -26.73 -7.49
C PRO A 264 -8.16 -26.77 -8.36
N GLU A 265 -8.21 -27.52 -9.49
CA GLU A 265 -7.15 -27.63 -10.49
C GLU A 265 -7.00 -26.32 -11.26
N GLN A 266 -8.07 -25.48 -11.27
CA GLN A 266 -8.13 -24.16 -11.92
C GLN A 266 -7.79 -23.02 -10.93
N TRP A 267 -7.57 -23.33 -9.64
CA TRP A 267 -7.23 -22.30 -8.63
C TRP A 267 -5.75 -21.96 -8.72
N GLY A 268 -5.46 -20.67 -8.86
CA GLY A 268 -4.10 -20.15 -8.95
C GLY A 268 -3.44 -19.85 -7.62
N MSE A 269 -2.11 -19.76 -7.61
CA MSE A 269 -1.29 -19.48 -6.44
C MSE A 269 -0.21 -18.44 -6.79
O MSE A 269 0.18 -18.39 -7.96
CB MSE A 269 -0.62 -20.78 -5.92
CG MSE A 269 -1.58 -21.69 -5.14
SE MSE A 269 -2.18 -20.93 -3.42
CE MSE A 269 -0.60 -21.38 -2.32
N PRO A 270 0.28 -17.62 -5.83
CA PRO A 270 1.34 -16.65 -6.19
C PRO A 270 2.66 -17.31 -6.56
N LEU A 271 3.40 -16.66 -7.48
CA LEU A 271 4.72 -17.11 -7.96
C LEU A 271 5.80 -17.03 -6.87
N PRO A 272 6.85 -17.90 -6.88
CA PRO A 272 7.89 -17.78 -5.85
C PRO A 272 8.90 -16.67 -6.18
N SER B 8 40.91 14.01 -23.60
CA SER B 8 41.29 13.55 -24.93
C SER B 8 40.17 13.75 -25.94
N ASP B 9 38.93 13.88 -25.46
CA ASP B 9 37.76 14.14 -26.31
C ASP B 9 37.17 15.52 -26.03
N GLU B 10 37.92 16.34 -25.27
CA GLU B 10 37.60 17.71 -24.84
C GLU B 10 37.25 18.63 -26.01
N LYS B 11 37.89 18.43 -27.18
CA LYS B 11 37.68 19.20 -28.40
C LYS B 11 36.45 18.73 -29.18
N ARG B 12 35.91 17.53 -28.90
CA ARG B 12 34.79 16.96 -29.64
C ARG B 12 33.46 17.72 -29.46
N ILE B 13 32.75 17.94 -30.57
CA ILE B 13 31.44 18.61 -30.61
C ILE B 13 30.40 17.65 -31.20
N LEU B 14 29.55 17.14 -30.32
CA LEU B 14 28.47 16.25 -30.67
C LEU B 14 27.25 17.13 -30.74
N SER B 15 26.77 17.37 -31.96
CA SER B 15 25.67 18.29 -32.17
C SER B 15 24.55 17.74 -33.03
N ASN B 16 23.31 18.20 -32.75
CA ASN B 16 22.13 17.90 -33.54
C ASN B 16 22.36 18.66 -34.86
N VAL B 17 22.05 18.04 -36.01
CA VAL B 17 22.23 18.61 -37.37
C VAL B 17 21.58 20.01 -37.53
N ALA B 18 20.46 20.27 -36.83
CA ALA B 18 19.70 21.53 -36.85
C ALA B 18 20.50 22.76 -36.36
N VAL B 19 21.49 22.55 -35.48
CA VAL B 19 22.34 23.61 -34.90
C VAL B 19 23.14 24.37 -36.00
N LEU B 20 23.61 23.68 -37.05
CA LEU B 20 24.42 24.32 -38.09
C LEU B 20 23.62 25.02 -39.18
N GLU B 21 22.27 24.89 -39.18
CA GLU B 21 21.36 25.59 -40.10
C GLU B 21 21.70 25.47 -41.61
N GLY B 22 22.19 24.30 -42.01
CA GLY B 22 22.54 24.02 -43.41
C GLY B 22 24.03 24.05 -43.69
N ALA B 23 24.82 24.60 -42.75
CA ALA B 23 26.28 24.71 -42.87
C ALA B 23 26.98 23.34 -42.72
N PRO B 24 28.10 23.08 -43.44
CA PRO B 24 28.79 21.78 -43.28
C PRO B 24 29.49 21.67 -41.92
N PRO B 25 29.92 20.47 -41.43
CA PRO B 25 30.65 20.44 -40.14
C PRO B 25 31.82 21.43 -40.19
N LEU B 26 31.93 22.25 -39.15
CA LEU B 26 32.92 23.34 -39.10
C LEU B 26 34.37 22.88 -38.91
N SER B 27 34.58 21.70 -38.33
CA SER B 27 35.91 21.12 -38.09
C SER B 27 35.81 19.62 -37.98
N GLU B 28 36.97 18.92 -37.96
CA GLU B 28 37.05 17.47 -37.79
C GLU B 28 36.50 17.01 -36.43
N HIS B 29 36.40 17.94 -35.45
CA HIS B 29 35.87 17.65 -34.10
C HIS B 29 34.33 17.59 -34.06
N TRP B 30 33.66 18.12 -35.09
CA TRP B 30 32.20 18.12 -35.18
C TRP B 30 31.66 16.79 -35.69
N GLN B 31 30.56 16.33 -35.08
CA GLN B 31 29.82 15.14 -35.50
C GLN B 31 28.34 15.49 -35.39
N LEU B 32 27.59 15.35 -36.49
CA LEU B 32 26.18 15.73 -36.55
C LEU B 32 25.23 14.55 -36.50
N PHE B 33 24.12 14.72 -35.76
CA PHE B 33 23.10 13.71 -35.53
C PHE B 33 21.73 14.21 -35.97
N ASN B 34 20.94 13.35 -36.63
CA ASN B 34 19.60 13.64 -37.16
C ASN B 34 18.59 14.04 -36.09
N ASN B 35 18.70 13.50 -34.86
CA ASN B 35 17.80 13.79 -33.74
C ASN B 35 18.54 13.80 -32.39
N ASN B 36 17.86 14.26 -31.31
CA ASN B 36 18.44 14.33 -29.96
C ASN B 36 18.65 12.98 -29.31
N GLU B 37 17.89 11.94 -29.73
CA GLU B 37 17.97 10.60 -29.14
C GLU B 37 19.26 9.90 -29.55
N VAL B 38 19.60 9.95 -30.84
CA VAL B 38 20.82 9.35 -31.39
C VAL B 38 22.06 10.18 -30.97
N LEU B 39 21.85 11.48 -30.65
CA LEU B 39 22.87 12.37 -30.11
C LEU B 39 23.19 11.92 -28.67
N PHE B 40 22.14 11.71 -27.85
CA PHE B 40 22.24 11.24 -26.47
C PHE B 40 23.00 9.92 -26.41
N ASN B 41 22.69 8.99 -27.34
CA ASN B 41 23.32 7.66 -27.44
C ASN B 41 24.84 7.74 -27.60
N GLU B 42 25.32 8.66 -28.45
CA GLU B 42 26.75 8.86 -28.68
C GLU B 42 27.41 9.61 -27.52
N ALA B 43 26.70 10.61 -26.95
CA ALA B 43 27.16 11.43 -25.83
C ALA B 43 27.52 10.61 -24.56
N ARG B 44 26.92 9.42 -24.40
CA ARG B 44 27.13 8.47 -23.29
C ARG B 44 28.52 7.79 -23.32
N THR B 45 29.19 7.79 -24.49
CA THR B 45 30.53 7.22 -24.69
C THR B 45 31.60 8.31 -24.42
N ALA B 46 31.18 9.60 -24.50
CA ALA B 46 32.01 10.80 -24.33
C ALA B 46 32.29 11.17 -22.86
N GLN B 47 33.33 11.99 -22.61
CA GLN B 47 33.74 12.40 -21.26
C GLN B 47 33.75 13.94 -21.09
N ALA B 48 34.60 14.63 -21.87
CA ALA B 48 34.79 16.08 -21.83
C ALA B 48 34.31 16.77 -23.11
N ALA B 49 33.54 16.05 -23.96
CA ALA B 49 32.99 16.58 -25.22
C ALA B 49 31.89 17.62 -24.98
N THR B 50 31.59 18.44 -26.02
CA THR B 50 30.49 19.42 -26.03
C THR B 50 29.33 18.69 -26.69
N VAL B 51 28.17 18.75 -26.06
CA VAL B 51 26.94 18.13 -26.55
C VAL B 51 25.92 19.24 -26.72
N VAL B 52 25.48 19.47 -27.96
CA VAL B 52 24.55 20.53 -28.30
C VAL B 52 23.27 19.92 -28.83
N PHE B 53 22.22 19.91 -27.97
CA PHE B 53 20.88 19.45 -28.28
C PHE B 53 20.11 20.57 -28.99
N SER B 54 19.11 20.20 -29.78
CA SER B 54 18.23 21.14 -30.48
C SER B 54 16.79 21.10 -29.90
N LEU B 55 16.21 22.26 -29.62
CA LEU B 55 14.87 22.39 -29.06
C LEU B 55 13.91 23.13 -30.00
N GLN B 56 12.99 22.39 -30.62
CA GLN B 56 12.01 22.96 -31.55
C GLN B 56 10.61 23.15 -30.93
N GLN B 57 10.18 22.24 -30.05
CA GLN B 57 8.85 22.27 -29.43
C GLN B 57 8.81 21.81 -27.96
N ASN B 58 7.80 22.30 -27.21
CA ASN B 58 7.58 22.06 -25.79
C ASN B 58 7.44 20.59 -25.38
N ALA B 59 6.97 19.71 -26.29
CA ALA B 59 6.80 18.28 -25.99
C ALA B 59 8.15 17.58 -25.70
N GLN B 60 9.26 18.19 -26.17
CA GLN B 60 10.63 17.69 -26.00
C GLN B 60 11.24 18.03 -24.63
N ILE B 61 10.61 18.92 -23.83
CA ILE B 61 11.15 19.34 -22.52
C ILE B 61 11.45 18.15 -21.58
N GLU B 62 10.44 17.33 -21.20
CA GLU B 62 10.65 16.17 -20.33
C GLU B 62 11.68 15.18 -20.92
N PRO B 63 11.54 14.64 -22.18
CA PRO B 63 12.58 13.75 -22.73
C PRO B 63 13.98 14.37 -22.74
N LEU B 64 14.06 15.70 -22.98
CA LEU B 64 15.34 16.42 -22.98
C LEU B 64 15.97 16.55 -21.59
N ALA B 65 15.16 16.89 -20.57
CA ALA B 65 15.55 17.02 -19.16
C ALA B 65 16.17 15.70 -18.64
N ARG B 66 15.54 14.56 -19.00
CA ARG B 66 15.96 13.21 -18.64
C ARG B 66 17.31 12.86 -19.27
N SER B 67 17.50 13.22 -20.56
CA SER B 67 18.75 13.01 -21.32
C SER B 67 19.90 13.81 -20.71
N ILE B 68 19.66 15.10 -20.38
CA ILE B 68 20.66 15.99 -19.76
C ILE B 68 21.04 15.45 -18.36
N HIS B 69 20.03 15.07 -17.55
CA HIS B 69 20.20 14.50 -16.20
C HIS B 69 21.04 13.21 -16.23
N THR B 70 20.67 12.25 -17.12
CA THR B 70 21.37 10.98 -17.29
C THR B 70 22.83 11.24 -17.67
N LEU B 71 23.07 12.18 -18.61
CA LEU B 71 24.42 12.51 -19.06
C LEU B 71 25.28 13.14 -17.97
N ARG B 72 24.75 14.15 -17.24
CA ARG B 72 25.48 14.84 -16.18
C ARG B 72 25.84 13.92 -15.00
N ARG B 73 24.88 13.08 -14.54
CA ARG B 73 25.08 12.16 -13.44
C ARG B 73 26.05 11.04 -13.75
N GLN B 74 25.95 10.47 -14.97
CA GLN B 74 26.78 9.33 -15.39
C GLN B 74 28.10 9.70 -16.06
N ARG B 75 28.22 10.87 -16.72
CA ARG B 75 29.47 11.20 -17.41
C ARG B 75 30.35 12.22 -16.66
N GLY B 76 29.75 13.00 -15.77
CA GLY B 76 30.50 13.92 -14.91
C GLY B 76 30.48 15.41 -15.20
N SER B 77 31.38 16.11 -14.49
CA SER B 77 31.56 17.57 -14.46
C SER B 77 32.33 18.21 -15.64
N ALA B 78 33.08 17.42 -16.44
CA ALA B 78 33.87 17.99 -17.55
C ALA B 78 33.08 18.23 -18.85
N MSE B 79 32.06 17.40 -19.09
CA MSE B 79 31.20 17.50 -20.27
C MSE B 79 30.42 18.82 -20.29
O MSE B 79 29.95 19.29 -19.25
CB MSE B 79 30.24 16.32 -20.30
CG MSE B 79 29.34 16.26 -21.52
SE MSE B 79 28.36 14.61 -21.51
CE MSE B 79 26.82 15.15 -22.36
N LYS B 80 30.32 19.44 -21.48
CA LYS B 80 29.59 20.68 -21.70
C LYS B 80 28.28 20.32 -22.41
N ILE B 81 27.14 20.62 -21.75
CA ILE B 81 25.80 20.29 -22.28
C ILE B 81 25.06 21.57 -22.60
N LEU B 82 24.74 21.77 -23.87
CA LEU B 82 24.07 22.97 -24.37
C LEU B 82 22.74 22.64 -25.01
N VAL B 83 21.78 23.57 -24.88
CA VAL B 83 20.45 23.44 -25.48
C VAL B 83 20.28 24.60 -26.43
N ARG B 84 20.07 24.27 -27.70
CA ARG B 84 19.88 25.25 -28.77
C ARG B 84 18.39 25.34 -29.11
N GLU B 85 17.74 26.43 -28.66
CA GLU B 85 16.34 26.76 -28.89
C GLU B 85 16.19 27.25 -30.37
N ASN B 86 15.45 26.50 -31.21
CA ASN B 86 15.23 26.81 -32.64
C ASN B 86 14.22 27.94 -32.82
N THR B 87 12.99 27.67 -32.36
CA THR B 87 11.85 28.59 -32.43
C THR B 87 11.68 29.19 -31.04
N ALA B 88 10.97 30.34 -30.94
CA ALA B 88 10.67 30.96 -29.65
C ALA B 88 9.68 30.00 -28.98
N SER B 89 10.16 29.22 -28.01
CA SER B 89 9.35 28.19 -27.36
C SER B 89 9.64 28.03 -25.87
N LEU B 90 10.92 27.98 -25.50
CA LEU B 90 11.37 27.74 -24.12
C LEU B 90 10.93 28.80 -23.09
N ARG B 91 10.02 28.37 -22.20
CA ARG B 91 9.51 29.10 -21.04
C ARG B 91 10.61 29.14 -19.96
N ALA B 92 10.60 30.19 -19.10
CA ALA B 92 11.58 30.37 -18.03
C ALA B 92 11.55 29.22 -17.01
N THR B 93 10.37 28.63 -16.78
CA THR B 93 10.19 27.51 -15.85
C THR B 93 10.93 26.26 -16.38
N ASP B 94 10.85 26.02 -17.70
CA ASP B 94 11.49 24.89 -18.36
C ASP B 94 12.99 25.09 -18.52
N GLU B 95 13.43 26.35 -18.63
CA GLU B 95 14.83 26.71 -18.69
C GLU B 95 15.48 26.40 -17.35
N ARG B 96 14.84 26.82 -16.24
CA ARG B 96 15.32 26.53 -14.86
C ARG B 96 15.48 25.02 -14.64
N LEU B 97 14.55 24.21 -15.21
CA LEU B 97 14.57 22.76 -15.16
C LEU B 97 15.79 22.19 -15.90
N LEU B 98 15.99 22.59 -17.19
CA LEU B 98 17.11 22.11 -18.01
C LEU B 98 18.45 22.44 -17.40
N LEU B 99 18.58 23.64 -16.80
CA LEU B 99 19.81 24.07 -16.12
C LEU B 99 20.06 23.31 -14.84
N ALA B 100 18.99 22.99 -14.07
CA ALA B 100 19.10 22.22 -12.82
C ALA B 100 19.40 20.73 -13.09
N CYS B 101 19.03 20.22 -14.30
CA CYS B 101 19.24 18.85 -14.76
C CYS B 101 20.71 18.57 -15.11
N GLY B 102 21.46 19.61 -15.43
CA GLY B 102 22.87 19.50 -15.78
C GLY B 102 23.34 20.31 -16.97
N ALA B 103 22.42 21.06 -17.62
CA ALA B 103 22.81 21.89 -18.77
C ALA B 103 23.65 23.06 -18.32
N ASN B 104 24.73 23.30 -19.06
CA ASN B 104 25.66 24.40 -18.82
C ASN B 104 25.03 25.71 -19.16
N MSE B 105 24.28 25.73 -20.29
CA MSE B 105 23.77 26.95 -20.88
C MSE B 105 22.70 26.65 -21.92
O MSE B 105 22.71 25.60 -22.57
CB MSE B 105 24.96 27.62 -21.59
CG MSE B 105 24.78 29.07 -22.01
SE MSE B 105 26.41 29.69 -22.95
CE MSE B 105 26.53 28.30 -24.30
N VAL B 106 21.82 27.63 -22.13
CA VAL B 106 20.80 27.63 -23.16
C VAL B 106 21.23 28.68 -24.21
N ILE B 107 21.17 28.31 -25.50
CA ILE B 107 21.43 29.22 -26.61
C ILE B 107 20.03 29.64 -27.05
N PRO B 108 19.63 30.90 -26.76
CA PRO B 108 18.25 31.33 -27.06
C PRO B 108 17.92 31.45 -28.55
N TRP B 109 16.63 31.38 -28.90
CA TRP B 109 16.14 31.45 -30.28
C TRP B 109 16.58 32.71 -31.06
N ASN B 110 16.68 33.87 -30.37
CA ASN B 110 17.00 35.14 -30.99
C ASN B 110 18.51 35.36 -31.17
N ALA B 111 19.32 34.38 -30.76
CA ALA B 111 20.76 34.41 -30.97
C ALA B 111 21.03 33.75 -32.33
N PRO B 112 21.62 34.47 -33.33
CA PRO B 112 21.88 33.82 -34.62
C PRO B 112 23.00 32.78 -34.55
N LEU B 113 23.23 32.05 -35.68
CA LEU B 113 24.26 31.02 -35.82
C LEU B 113 25.66 31.50 -35.35
N SER B 114 26.03 32.74 -35.68
CA SER B 114 27.32 33.37 -35.31
C SER B 114 27.48 33.48 -33.79
N ARG B 115 26.39 33.91 -33.10
CA ARG B 115 26.30 34.09 -31.65
C ARG B 115 26.25 32.72 -30.97
N CYS B 116 25.53 31.78 -31.61
CA CYS B 116 25.46 30.39 -31.18
C CYS B 116 26.88 29.80 -31.14
N LEU B 117 27.69 30.05 -32.20
CA LEU B 117 29.08 29.56 -32.28
C LEU B 117 29.99 30.19 -31.22
N THR B 118 29.81 31.50 -30.92
CA THR B 118 30.55 32.18 -29.86
C THR B 118 30.25 31.54 -28.50
N MSE B 119 28.97 31.18 -28.28
CA MSE B 119 28.50 30.55 -27.04
C MSE B 119 29.00 29.12 -26.88
O MSE B 119 29.34 28.73 -25.77
CB MSE B 119 26.98 30.68 -26.91
CG MSE B 119 26.55 32.09 -26.54
SE MSE B 119 24.62 32.42 -26.43
CE MSE B 119 24.16 32.09 -28.16
N ILE B 120 29.13 28.36 -28.00
CA ILE B 120 29.71 27.00 -27.95
C ILE B 120 31.19 27.13 -27.48
N GLU B 121 31.94 28.09 -28.05
CA GLU B 121 33.33 28.36 -27.67
C GLU B 121 33.47 28.80 -26.21
N SER B 122 32.56 29.69 -25.75
CA SER B 122 32.51 30.28 -24.42
C SER B 122 32.52 29.27 -23.23
N VAL B 123 31.93 28.07 -23.42
CA VAL B 123 31.83 27.07 -22.34
C VAL B 123 33.05 26.12 -22.28
N GLN B 124 34.03 26.26 -23.19
CA GLN B 124 35.21 25.37 -23.18
C GLN B 124 36.08 25.57 -21.94
N GLY B 125 36.51 24.45 -21.35
CA GLY B 125 37.34 24.44 -20.15
C GLY B 125 36.59 24.59 -18.85
N GLN B 126 35.32 25.03 -18.94
CA GLN B 126 34.42 25.20 -17.80
C GLN B 126 34.02 23.83 -17.23
N LYS B 127 34.12 23.67 -15.91
CA LYS B 127 33.73 22.45 -15.22
C LYS B 127 32.47 22.68 -14.38
N PHE B 128 31.40 21.91 -14.66
CA PHE B 128 30.10 21.99 -13.99
C PHE B 128 30.25 21.74 -12.47
N SER B 129 30.07 22.79 -11.67
CA SER B 129 30.26 22.80 -10.22
C SER B 129 28.99 22.61 -9.39
N ARG B 130 27.82 22.98 -9.95
CA ARG B 130 26.50 22.91 -9.31
C ARG B 130 26.07 21.48 -8.94
N TYR B 131 25.39 21.33 -7.78
CA TYR B 131 24.87 20.03 -7.34
C TYR B 131 23.62 19.66 -8.17
N VAL B 132 23.60 18.42 -8.67
CA VAL B 132 22.50 17.84 -9.45
C VAL B 132 21.98 16.66 -8.63
N PRO B 133 20.68 16.64 -8.25
CA PRO B 133 20.16 15.49 -7.47
C PRO B 133 20.22 14.18 -8.26
N GLU B 134 20.40 13.05 -7.54
CA GLU B 134 20.49 11.70 -8.12
C GLU B 134 19.17 11.29 -8.82
N ASP B 135 18.02 11.58 -8.20
CA ASP B 135 16.68 11.26 -8.70
C ASP B 135 16.09 12.37 -9.61
N ILE B 136 15.66 12.00 -10.84
CA ILE B 136 15.02 12.90 -11.81
C ILE B 136 13.67 13.42 -11.27
N THR B 137 12.97 12.55 -10.50
CA THR B 137 11.68 12.85 -9.85
C THR B 137 11.76 14.16 -9.03
N THR B 138 12.90 14.38 -8.30
CA THR B 138 13.18 15.58 -7.51
C THR B 138 13.20 16.83 -8.44
N LEU B 139 13.79 16.69 -9.62
CA LEU B 139 13.87 17.77 -10.59
C LEU B 139 12.54 18.03 -11.28
N LEU B 140 11.84 16.98 -11.71
CA LEU B 140 10.54 17.10 -12.39
C LEU B 140 9.45 17.78 -11.52
N SER B 141 9.67 17.88 -10.19
CA SER B 141 8.79 18.55 -9.22
C SER B 141 8.76 20.06 -9.47
N MSE B 142 9.78 20.58 -10.16
CA MSE B 142 9.85 22.00 -10.49
C MSE B 142 8.74 22.41 -11.44
O MSE B 142 8.14 23.47 -11.24
CB MSE B 142 11.22 22.36 -11.11
CG MSE B 142 12.37 22.28 -10.12
SE MSE B 142 14.13 22.33 -11.03
CE MSE B 142 14.17 24.25 -11.45
N THR B 143 8.44 21.58 -12.46
CA THR B 143 7.47 21.86 -13.53
C THR B 143 6.21 21.01 -13.54
N GLN B 144 6.28 19.81 -12.95
CA GLN B 144 5.15 18.87 -12.93
C GLN B 144 4.58 18.65 -11.50
N PRO B 145 3.33 18.14 -11.32
CA PRO B 145 2.87 17.84 -9.94
C PRO B 145 3.82 16.86 -9.25
N LEU B 146 4.05 17.07 -7.95
CA LEU B 146 4.96 16.27 -7.14
C LEU B 146 4.76 14.77 -7.40
N LYS B 147 5.84 14.08 -7.76
CA LYS B 147 5.86 12.65 -8.07
C LYS B 147 6.64 11.86 -7.02
N LEU B 148 7.40 12.55 -6.12
CA LEU B 148 8.14 11.91 -5.03
C LEU B 148 7.13 11.31 -4.03
N ARG B 149 7.52 10.21 -3.40
CA ARG B 149 6.73 9.49 -2.40
C ARG B 149 7.64 9.17 -1.22
N GLY B 150 7.07 9.18 -0.02
CA GLY B 150 7.78 8.81 1.20
C GLY B 150 8.75 9.81 1.78
N PHE B 151 9.65 9.31 2.64
CA PHE B 151 10.66 10.09 3.33
C PHE B 151 11.57 10.86 2.40
N GLN B 152 11.78 12.12 2.75
CA GLN B 152 12.66 13.07 2.09
C GLN B 152 13.39 13.82 3.21
N LYS B 153 14.66 14.17 2.99
CA LYS B 153 15.47 14.95 3.93
C LYS B 153 14.87 16.36 4.01
N TRP B 154 15.03 17.04 5.17
CA TRP B 154 14.44 18.36 5.44
C TRP B 154 14.50 19.34 4.23
N ASP B 155 15.68 19.65 3.69
CA ASP B 155 15.86 20.56 2.54
C ASP B 155 15.16 20.11 1.25
N VAL B 156 15.12 18.79 0.97
CA VAL B 156 14.47 18.21 -0.21
C VAL B 156 12.95 18.33 -0.09
N PHE B 157 12.40 18.08 1.13
CA PHE B 157 10.98 18.18 1.44
C PHE B 157 10.51 19.62 1.20
N CYS B 158 11.18 20.59 1.84
CA CYS B 158 10.88 22.02 1.73
C CYS B 158 10.94 22.51 0.29
N ASN B 159 11.96 22.08 -0.50
CA ASN B 159 12.12 22.43 -1.91
C ASN B 159 11.01 21.85 -2.80
N ALA B 160 10.64 20.56 -2.58
CA ALA B 160 9.58 19.87 -3.32
C ALA B 160 8.22 20.57 -3.14
N VAL B 161 7.85 20.86 -1.87
CA VAL B 161 6.60 21.52 -1.52
C VAL B 161 6.59 22.96 -2.10
N ASN B 162 7.70 23.71 -1.95
CA ASN B 162 7.85 25.06 -2.50
C ASN B 162 7.73 25.03 -4.02
N ASN B 163 8.26 23.98 -4.67
CA ASN B 163 8.20 23.82 -6.13
C ASN B 163 6.76 23.72 -6.58
N MSE B 164 5.95 22.95 -5.83
CA MSE B 164 4.54 22.73 -6.08
C MSE B 164 3.75 24.02 -5.86
O MSE B 164 2.90 24.35 -6.68
CB MSE B 164 4.04 21.60 -5.17
CG MSE B 164 2.57 21.26 -5.36
SE MSE B 164 2.34 19.46 -5.98
CE MSE B 164 0.45 19.39 -6.04
N MSE B 165 4.09 24.77 -4.79
CA MSE B 165 3.45 26.04 -4.43
C MSE B 165 3.71 27.15 -5.44
O MSE B 165 2.82 27.95 -5.69
CB MSE B 165 3.91 26.51 -3.03
CG MSE B 165 3.43 25.62 -1.88
SE MSE B 165 1.50 25.25 -1.79
CE MSE B 165 1.53 23.36 -2.38
N ASN B 166 4.94 27.20 -5.99
CA ASN B 166 5.37 28.24 -6.94
C ASN B 166 5.17 27.89 -8.42
N ASN B 167 4.71 26.66 -8.73
CA ASN B 167 4.47 26.23 -10.11
C ASN B 167 3.22 26.93 -10.69
N PRO B 168 3.38 27.82 -11.69
CA PRO B 168 2.21 28.55 -12.22
C PRO B 168 1.35 27.76 -13.21
N LEU B 169 1.81 26.57 -13.64
CA LEU B 169 1.05 25.70 -14.55
C LEU B 169 0.09 24.75 -13.78
N LEU B 170 0.19 24.75 -12.44
CA LEU B 170 -0.67 23.94 -11.59
C LEU B 170 -1.95 24.70 -11.21
N PRO B 171 -3.05 24.00 -10.79
CA PRO B 171 -4.26 24.73 -10.36
C PRO B 171 -3.97 25.66 -9.17
N ALA B 172 -4.66 26.81 -9.11
CA ALA B 172 -4.47 27.81 -8.05
C ALA B 172 -4.83 27.32 -6.64
N HIS B 173 -5.83 26.41 -6.54
CA HIS B 173 -6.34 25.89 -5.28
C HIS B 173 -6.23 24.37 -5.13
N GLY B 174 -6.26 23.92 -3.88
CA GLY B 174 -6.22 22.51 -3.50
C GLY B 174 -4.99 21.74 -3.92
N LYS B 175 -3.82 22.41 -3.98
CA LYS B 175 -2.53 21.78 -4.34
C LYS B 175 -2.16 20.69 -3.32
N GLY B 176 -2.57 20.89 -2.08
CA GLY B 176 -2.36 19.89 -1.04
C GLY B 176 -2.48 20.37 0.38
N VAL B 177 -2.08 19.51 1.32
CA VAL B 177 -2.10 19.80 2.73
C VAL B 177 -0.73 19.52 3.39
N LEU B 178 -0.27 20.45 4.22
CA LEU B 178 0.94 20.35 5.02
C LEU B 178 0.51 20.06 6.47
N VAL B 179 0.96 18.92 7.04
CA VAL B 179 0.59 18.49 8.40
C VAL B 179 1.81 18.29 9.29
N ALA B 180 1.84 18.94 10.47
CA ALA B 180 2.87 18.79 11.49
C ALA B 180 2.27 17.99 12.66
N LEU B 181 2.71 16.74 12.79
CA LEU B 181 2.23 15.79 13.77
C LEU B 181 3.18 15.59 14.95
N ARG B 182 2.66 15.71 16.17
CA ARG B 182 3.42 15.55 17.40
C ARG B 182 3.13 14.16 17.96
N PRO B 183 4.14 13.27 18.14
CA PRO B 183 3.83 11.93 18.68
C PRO B 183 3.41 11.97 20.16
N VAL B 184 2.67 10.95 20.63
CA VAL B 184 2.25 10.85 22.04
C VAL B 184 3.49 10.78 22.96
N PRO B 185 3.42 11.13 24.28
CA PRO B 185 4.62 11.04 25.14
C PRO B 185 5.47 9.76 25.03
N GLY B 186 4.82 8.60 24.93
CA GLY B 186 5.51 7.32 24.84
C GLY B 186 6.19 6.94 23.51
N ILE B 187 5.92 7.71 22.44
CA ILE B 187 6.43 7.44 21.09
C ILE B 187 7.49 8.47 20.60
N ARG B 188 8.62 7.95 20.06
CA ARG B 188 9.67 8.79 19.46
C ARG B 188 9.25 9.11 18.05
N VAL B 189 9.65 10.28 17.56
CA VAL B 189 9.34 10.75 16.20
C VAL B 189 9.88 9.76 15.09
N GLU B 190 10.95 9.03 15.39
CA GLU B 190 11.54 8.03 14.47
C GLU B 190 10.65 6.78 14.37
N GLN B 191 9.94 6.44 15.46
CA GLN B 191 8.97 5.34 15.52
C GLN B 191 7.72 5.72 14.74
N ALA B 192 7.23 6.99 14.94
CA ALA B 192 6.06 7.55 14.25
C ALA B 192 6.32 7.56 12.75
N LEU B 193 7.56 7.89 12.35
CA LEU B 193 8.02 7.90 10.97
C LEU B 193 7.97 6.50 10.32
N THR B 194 8.36 5.45 11.09
CA THR B 194 8.39 4.06 10.64
C THR B 194 6.95 3.57 10.32
N LEU B 195 5.94 4.02 11.09
CA LEU B 195 4.54 3.67 10.87
C LEU B 195 3.88 4.44 9.69
N CYS B 196 4.51 5.56 9.26
CA CYS B 196 4.03 6.42 8.18
C CYS B 196 4.36 5.84 6.81
N ARG B 197 3.38 5.19 6.16
CA ARG B 197 3.65 4.56 4.87
C ARG B 197 2.64 4.96 3.78
N PRO B 198 2.82 6.14 3.14
CA PRO B 198 1.88 6.53 2.08
C PRO B 198 2.04 5.65 0.84
N ASN B 199 0.92 5.36 0.16
CA ASN B 199 0.96 4.53 -1.06
C ASN B 199 1.04 5.39 -2.33
N ARG B 200 0.59 6.65 -2.25
CA ARG B 200 0.52 7.58 -3.39
C ARG B 200 1.76 8.41 -3.62
N THR B 201 2.08 8.63 -4.89
CA THR B 201 3.12 9.56 -5.34
C THR B 201 2.51 10.96 -5.09
N GLY B 202 3.32 11.88 -4.59
CA GLY B 202 2.87 13.22 -4.22
C GLY B 202 2.69 13.35 -2.72
N ASP B 203 2.80 12.23 -1.99
CA ASP B 203 2.68 12.16 -0.54
C ASP B 203 4.07 11.88 0.04
N ILE B 204 4.62 12.87 0.73
CA ILE B 204 5.98 12.87 1.30
C ILE B 204 6.01 13.27 2.77
N MSE B 205 7.12 12.91 3.45
CA MSE B 205 7.33 13.28 4.86
C MSE B 205 8.78 13.52 5.20
O MSE B 205 9.68 13.10 4.47
CB MSE B 205 6.67 12.33 5.87
CG MSE B 205 7.29 10.94 5.94
SE MSE B 205 6.64 9.71 4.59
CE MSE B 205 4.78 10.48 4.30
N THR B 206 9.00 14.19 6.33
CA THR B 206 10.30 14.56 6.90
C THR B 206 10.17 14.74 8.42
N ILE B 207 11.30 14.98 9.11
CA ILE B 207 11.30 15.22 10.56
C ILE B 207 11.72 16.66 10.85
N GLY B 208 10.86 17.37 11.59
CA GLY B 208 11.09 18.75 12.00
C GLY B 208 11.23 18.83 13.51
N GLY B 209 12.48 18.91 13.96
CA GLY B 209 12.82 18.92 15.38
C GLY B 209 12.31 17.67 16.04
N ASN B 210 11.19 17.78 16.77
CA ASN B 210 10.53 16.68 17.45
C ASN B 210 9.12 16.45 16.86
N ARG B 211 8.98 16.66 15.53
CA ARG B 211 7.69 16.52 14.85
C ARG B 211 7.80 15.83 13.49
N LEU B 212 6.73 15.13 13.09
CA LEU B 212 6.63 14.46 11.79
C LEU B 212 5.87 15.40 10.85
N VAL B 213 6.52 15.85 9.75
CA VAL B 213 5.90 16.77 8.81
C VAL B 213 5.54 16.05 7.51
N LEU B 214 4.25 16.05 7.16
CA LEU B 214 3.68 15.41 5.97
C LEU B 214 3.13 16.42 4.98
N PHE B 215 3.25 16.08 3.69
CA PHE B 215 2.63 16.84 2.61
C PHE B 215 1.86 15.84 1.77
N LEU B 216 0.56 16.09 1.61
CA LEU B 216 -0.36 15.24 0.85
C LEU B 216 -0.88 16.06 -0.31
N SER B 217 -0.59 15.63 -1.54
CA SER B 217 -1.00 16.32 -2.75
C SER B 217 -2.47 16.09 -3.05
N PHE B 218 -3.14 17.18 -3.50
CA PHE B 218 -4.56 17.24 -3.92
C PHE B 218 -5.55 16.63 -2.92
N CYS B 219 -5.27 16.79 -1.63
CA CYS B 219 -6.14 16.26 -0.59
C CYS B 219 -6.94 17.40 0.03
N ARG B 220 -8.29 17.30 0.00
CA ARG B 220 -9.17 18.31 0.60
C ARG B 220 -9.03 18.26 2.10
N ILE B 221 -9.23 19.40 2.79
CA ILE B 221 -9.11 19.49 4.24
C ILE B 221 -10.06 18.51 4.99
N ASN B 222 -11.27 18.30 4.47
CA ASN B 222 -12.22 17.40 5.12
C ASN B 222 -11.87 15.91 4.95
N ASP B 223 -10.97 15.56 3.99
CA ASP B 223 -10.55 14.19 3.73
C ASP B 223 -9.22 13.83 4.41
N LEU B 224 -8.67 14.77 5.22
CA LEU B 224 -7.40 14.61 5.90
C LEU B 224 -7.37 13.42 6.83
N ASP B 225 -8.40 13.30 7.70
CA ASP B 225 -8.47 12.19 8.66
C ASP B 225 -8.53 10.84 7.96
N THR B 226 -9.32 10.76 6.87
CA THR B 226 -9.45 9.58 6.01
C THR B 226 -8.08 9.17 5.45
N ALA B 227 -7.33 10.15 4.89
CA ALA B 227 -5.99 9.98 4.31
C ALA B 227 -4.98 9.46 5.33
N LEU B 228 -4.90 10.10 6.52
CA LEU B 228 -4.02 9.69 7.61
C LEU B 228 -4.41 8.32 8.18
N ASN B 229 -5.70 7.96 8.14
CA ASN B 229 -6.20 6.67 8.65
C ASN B 229 -5.73 5.48 7.81
N HIS B 230 -5.33 5.71 6.54
CA HIS B 230 -4.85 4.61 5.73
C HIS B 230 -3.34 4.74 5.40
N ILE B 231 -2.71 5.88 5.77
CA ILE B 231 -1.26 6.10 5.61
C ILE B 231 -0.56 5.43 6.81
N PHE B 232 -1.23 5.45 7.98
CA PHE B 232 -0.80 4.84 9.23
C PHE B 232 -1.57 3.51 9.43
N PRO B 233 -0.93 2.45 10.01
CA PRO B 233 -1.63 1.16 10.15
C PRO B 233 -2.42 0.98 11.44
N LEU B 234 -2.32 1.97 12.35
CA LEU B 234 -2.94 2.03 13.67
C LEU B 234 -3.74 3.34 13.78
N PRO B 235 -4.70 3.47 14.73
CA PRO B 235 -5.42 4.75 14.85
C PRO B 235 -4.46 5.90 15.14
N THR B 236 -4.59 7.02 14.40
CA THR B 236 -3.72 8.19 14.51
C THR B 236 -3.70 8.78 15.93
N GLY B 237 -4.84 8.75 16.62
CA GLY B 237 -5.00 9.23 17.99
C GLY B 237 -4.09 8.54 18.98
N ASP B 238 -3.73 7.28 18.70
CA ASP B 238 -2.84 6.48 19.51
C ASP B 238 -1.38 6.81 19.24
N ILE B 239 -1.05 7.24 18.00
CA ILE B 239 0.32 7.56 17.61
C ILE B 239 0.66 9.02 17.93
N PHE B 240 -0.29 9.92 17.66
CA PHE B 240 -0.12 11.36 17.81
C PHE B 240 -1.07 11.97 18.79
N SER B 241 -0.58 12.97 19.54
CA SER B 241 -1.35 13.72 20.54
C SER B 241 -1.83 15.08 19.99
N ASN B 242 -1.01 15.70 19.13
CA ASN B 242 -1.28 17.02 18.55
C ASN B 242 -1.02 17.09 17.06
N ARG B 243 -1.74 17.99 16.36
CA ARG B 243 -1.50 18.23 14.94
C ARG B 243 -1.75 19.68 14.54
N MSE B 244 -0.95 20.18 13.58
CA MSE B 244 -1.02 21.52 13.01
C MSE B 244 -1.17 21.34 11.51
O MSE B 244 -0.46 20.53 10.90
CB MSE B 244 0.25 22.30 13.30
CG MSE B 244 0.37 22.78 14.74
SE MSE B 244 1.80 24.09 14.92
CE MSE B 244 0.87 25.67 14.23
N VAL B 245 -2.12 22.07 10.90
CA VAL B 245 -2.44 21.92 9.49
C VAL B 245 -2.47 23.28 8.77
N TRP B 246 -2.03 23.29 7.51
CA TRP B 246 -2.02 24.42 6.58
C TRP B 246 -2.51 23.84 5.26
N PHE B 247 -3.72 24.23 4.84
CA PHE B 247 -4.36 23.71 3.62
C PHE B 247 -4.54 24.76 2.50
N GLU B 248 -4.34 26.06 2.81
CA GLU B 248 -4.41 27.15 1.83
C GLU B 248 -3.01 27.34 1.24
N ASP B 249 -2.90 27.29 -0.10
CA ASP B 249 -1.63 27.34 -0.84
C ASP B 249 -0.74 28.58 -0.52
N ASP B 250 -1.29 29.65 0.06
CA ASP B 250 -0.51 30.82 0.50
C ASP B 250 0.10 30.53 1.87
N GLN B 251 -0.69 29.91 2.77
CA GLN B 251 -0.32 29.55 4.14
C GLN B 251 0.80 28.48 4.20
N ILE B 252 0.84 27.55 3.22
CA ILE B 252 1.84 26.48 3.12
C ILE B 252 3.24 27.07 2.89
N SER B 253 3.37 27.94 1.87
CA SER B 253 4.61 28.61 1.47
C SER B 253 5.25 29.36 2.64
N ALA B 254 4.43 30.15 3.38
CA ALA B 254 4.83 30.95 4.54
C ALA B 254 5.27 30.06 5.70
N GLU B 255 4.66 28.87 5.82
CA GLU B 255 5.00 27.91 6.87
C GLU B 255 6.35 27.29 6.64
N LEU B 256 6.68 26.96 5.36
CA LEU B 256 7.97 26.39 4.98
C LEU B 256 9.12 27.30 5.43
N VAL B 257 8.90 28.64 5.39
CA VAL B 257 9.84 29.68 5.84
C VAL B 257 10.01 29.63 7.36
N GLN B 258 8.89 29.78 8.11
CA GLN B 258 8.81 29.78 9.57
C GLN B 258 9.38 28.51 10.23
N MSE B 259 9.37 27.38 9.51
CA MSE B 259 9.90 26.10 9.96
C MSE B 259 11.43 26.06 9.85
O MSE B 259 12.08 25.50 10.73
CB MSE B 259 9.29 24.93 9.17
CG MSE B 259 7.86 24.61 9.57
SE MSE B 259 7.00 23.11 8.59
CE MSE B 259 7.96 23.15 6.88
N ARG B 260 12.00 26.64 8.75
CA ARG B 260 13.44 26.69 8.47
C ARG B 260 14.21 27.48 9.53
C1 GOL C . -18.39 -37.06 35.32
O1 GOL C . -17.39 -36.69 36.26
C2 GOL C . -17.87 -36.90 33.92
O2 GOL C . -16.97 -37.97 33.62
C3 GOL C . -19.00 -36.87 32.90
O3 GOL C . -19.59 -35.59 32.86
P1 C2E D . -10.19 9.49 -4.27
O2P C2E D . -8.73 9.11 -4.25
O1P C2E D . -10.82 10.01 -5.52
O5' C2E D . -10.97 8.24 -3.73
C5' C2E D . -12.41 8.21 -3.64
C4' C2E D . -12.84 6.95 -2.94
O4' C2E D . -12.47 5.80 -3.73
C3' C2E D . -12.17 6.65 -1.61
O3' C2E D . -12.77 7.40 -0.54
C2' C2E D . -12.50 5.17 -1.44
O2' C2E D . -13.86 4.97 -1.06
C1' C2E D . -12.28 4.68 -2.87
N9 C2E D . -10.91 4.17 -3.06
C8 C2E D . -9.81 4.78 -3.60
N7 C2E D . -8.72 4.03 -3.54
C5 C2E D . -9.15 2.85 -2.93
C6 C2E D . -8.46 1.62 -2.62
O6 C2E D . -7.28 1.34 -2.85
N1 C2E D . -9.32 0.68 -2.05
C2 C2E D . -10.65 0.86 -1.82
N2 C2E D . -11.34 -0.18 -1.33
N3 C2E D . -11.30 1.99 -2.08
C4 C2E D . -10.50 2.94 -2.63
P11 C2E D . -12.09 7.81 0.80
O21 C2E D . -11.18 6.69 1.15
O11 C2E D . -13.12 8.25 1.76
O5A C2E D . -11.15 9.04 0.36
C5A C2E D . -11.70 10.26 -0.19
C4A C2E D . -10.60 11.12 -0.74
O4A C2E D . -9.61 11.41 0.27
C3A C2E D . -9.75 10.52 -1.84
O3A C2E D . -10.39 10.53 -3.13
C2A C2E D . -8.57 11.47 -1.87
O2A C2E D . -8.91 12.71 -2.50
C1A C2E D . -8.37 11.68 -0.36
N91 C2E D . -7.38 10.74 0.16
C81 C2E D . -7.61 9.53 0.76
N71 C2E D . -6.52 8.88 1.04
C51 C2E D . -5.49 9.72 0.61
C61 C2E D . -4.05 9.61 0.71
O61 C2E D . -3.41 8.64 1.12
N11 C2E D . -3.41 10.72 0.22
C21 C2E D . -4.02 11.81 -0.33
N21 C2E D . -3.23 12.81 -0.76
N31 C2E D . -5.34 11.93 -0.44
C41 C2E D . -6.02 10.87 0.05
C1 GOL E . 32.41 26.76 -32.39
O1 GOL E . 32.67 27.63 -31.30
C2 GOL E . 33.70 26.38 -33.08
O2 GOL E . 34.54 25.63 -32.18
C3 GOL E . 33.40 25.57 -34.32
O3 GOL E . 34.29 24.49 -34.48
#